data_3QKX
#
_entry.id   3QKX
#
_cell.length_a   71.160
_cell.length_b   71.160
_cell.length_c   159.334
_cell.angle_alpha   90.000
_cell.angle_beta   90.000
_cell.angle_gamma   120.000
#
_symmetry.space_group_name_H-M   'P 62'
#
loop_
_entity.id
_entity.type
_entity.pdbx_description
1 polymer 'Uncharacterized HTH-type transcriptional regulator HI_0893'
2 non-polymer 1,2-ETHANEDIOL
3 non-polymer 'SULFATE ION'
4 non-polymer 'CHLORIDE ION'
5 water water
#
_entity_poly.entity_id   1
_entity_poly.type   'polypeptide(L)'
_entity_poly.pdbx_seq_one_letter_code
;G(MSE)RQAKTDLAEQIFSATDRL(MSE)AREGLNQLS(MSE)LKLAKEANVAAGTIYLYFKNKDELLEQFAHRVFS
(MSE)F(MSE)ATLEKDFDETKPFFEQYRQ(MSE)WKNIWYFLQENPTILSNLKQYESLPNFKDICKNIKNCRWDLFCHQ
AQKAGLLAELSEDILFLLSLKTAINLASDAKFIDFDLKPEILESVIERSWRAIQK
;
_entity_poly.pdbx_strand_id   A,B
#
# COMPACT_ATOMS: atom_id res chain seq x y z
N ARG A 3 11.94 -32.77 -18.06
N ARG A 3 14.34 -31.19 -17.95
CA ARG A 3 12.84 -31.58 -18.22
CA ARG A 3 12.97 -31.53 -18.42
C ARG A 3 12.01 -30.36 -18.44
C ARG A 3 12.06 -30.31 -18.52
N GLN A 4 12.29 -29.31 -17.66
CA GLN A 4 11.36 -28.17 -17.52
C GLN A 4 11.56 -27.05 -18.54
N ALA A 5 11.12 -27.36 -19.77
CA ALA A 5 10.38 -26.41 -20.60
C ALA A 5 8.95 -26.19 -20.02
N LYS A 6 8.48 -27.14 -19.20
CA LYS A 6 7.27 -26.99 -18.37
C LYS A 6 7.28 -25.79 -17.35
N THR A 7 8.43 -25.47 -16.76
CA THR A 7 8.54 -24.24 -15.92
C THR A 7 8.52 -22.97 -16.79
N ASP A 8 9.19 -23.02 -17.93
CA ASP A 8 9.28 -21.87 -18.85
C ASP A 8 7.91 -21.56 -19.43
N LEU A 9 7.22 -22.61 -19.88
CA LEU A 9 5.84 -22.49 -20.34
C LEU A 9 4.88 -22.00 -19.25
N ALA A 10 5.10 -22.43 -18.01
CA ALA A 10 4.35 -21.90 -16.88
C ALA A 10 4.59 -20.40 -16.72
N GLU A 11 5.84 -20.00 -16.88
CA GLU A 11 6.21 -18.59 -16.71
C GLU A 11 5.69 -17.63 -17.86
N GLN A 12 5.66 -18.30 -19.07
CA GLN A 12 5.00 -17.69 -20.22
C GLN A 12 3.56 -17.33 -19.86
N ILE A 13 2.84 -18.25 -19.23
CA ILE A 13 1.46 -18.02 -18.81
C ILE A 13 1.39 -17.04 -17.64
N PHE A 14 2.31 -17.15 -16.68
CA PHE A 14 2.27 -16.27 -15.51
C PHE A 14 2.53 -14.81 -15.91
N SER A 15 3.55 -14.61 -16.75
CA SER A 15 3.83 -13.31 -17.36
C SER A 15 2.58 -12.70 -18.00
N ALA A 16 1.83 -13.51 -18.73
CA ALA A 16 0.59 -13.07 -19.36
C ALA A 16 -0.50 -12.80 -18.35
N THR A 17 -0.51 -13.54 -17.24
CA THR A 17 -1.48 -13.29 -16.17
C THR A 17 -1.31 -11.89 -15.60
N ASP A 18 -0.06 -11.51 -15.32
CA ASP A 18 0.27 -10.14 -14.93
C ASP A 18 -0.34 -9.10 -15.86
N ARG A 19 -0.08 -9.24 -17.16
CA ARG A 19 -0.53 -8.27 -18.15
C ARG A 19 -2.03 -8.11 -18.19
N LEU A 20 -2.75 -9.22 -18.28
CA LEU A 20 -4.23 -9.19 -18.34
C LEU A 20 -4.79 -8.65 -17.01
N ALA A 22 -3.14 -6.32 -15.16
CA ALA A 22 -2.81 -4.91 -15.14
C ALA A 22 -3.71 -4.09 -16.09
N ARG A 23 -4.08 -4.66 -17.24
CA ARG A 23 -4.87 -3.92 -18.25
C ARG A 23 -6.40 -3.98 -18.01
N GLU A 24 -6.94 -5.20 -17.95
CA GLU A 24 -8.30 -5.44 -17.48
C GLU A 24 -8.21 -5.75 -15.98
N GLY A 25 -9.33 -6.04 -15.34
CA GLY A 25 -9.32 -6.43 -13.90
C GLY A 25 -9.01 -7.91 -13.65
N LEU A 26 -8.54 -8.23 -12.43
CA LEU A 26 -8.42 -9.63 -11.95
C LEU A 26 -9.72 -10.43 -12.07
N ASN A 27 -10.85 -9.75 -11.76
CA ASN A 27 -12.21 -10.31 -11.90
CA ASN A 27 -12.17 -10.35 -11.86
C ASN A 27 -12.52 -10.76 -13.30
N GLN A 28 -12.04 -9.99 -14.28
CA GLN A 28 -12.31 -10.26 -15.71
CA GLN A 28 -12.32 -10.25 -15.70
C GLN A 28 -11.44 -11.37 -16.31
N LEU A 29 -10.50 -11.94 -15.52
CA LEU A 29 -9.69 -13.07 -15.99
C LEU A 29 -10.52 -14.31 -16.25
N SER A 30 -10.20 -14.99 -17.34
CA SER A 30 -10.71 -16.31 -17.62
C SER A 30 -9.64 -17.02 -18.41
N LEU A 32 -9.59 -18.65 -21.29
CA LEU A 32 -9.52 -18.35 -22.73
C LEU A 32 -8.76 -17.07 -23.00
N LYS A 33 -9.00 -16.07 -22.16
CA LYS A 33 -8.36 -14.79 -22.30
C LYS A 33 -6.84 -14.87 -21.99
N LEU A 34 -6.48 -15.69 -20.99
CA LEU A 34 -5.06 -15.86 -20.60
C LEU A 34 -4.24 -16.68 -21.60
N ALA A 35 -4.87 -17.64 -22.28
CA ALA A 35 -4.20 -18.44 -23.33
C ALA A 35 -3.87 -17.56 -24.53
N LYS A 36 -4.83 -16.74 -24.97
CA LYS A 36 -4.63 -15.85 -26.12
C LYS A 36 -3.48 -14.89 -25.82
N GLU A 37 -3.50 -14.32 -24.61
CA GLU A 37 -2.45 -13.42 -24.15
C GLU A 37 -1.09 -14.11 -24.07
N ALA A 38 -1.08 -15.38 -23.68
CA ALA A 38 0.18 -16.12 -23.53
C ALA A 38 0.68 -16.74 -24.85
N ASN A 39 -0.14 -16.75 -25.90
CA ASN A 39 0.18 -17.42 -27.16
C ASN A 39 0.33 -18.95 -26.96
N VAL A 40 -0.60 -19.52 -26.19
CA VAL A 40 -0.71 -20.95 -25.99
C VAL A 40 -2.11 -21.41 -26.37
N ALA A 41 -2.22 -22.64 -26.85
CA ALA A 41 -3.50 -23.23 -27.19
C ALA A 41 -4.37 -23.40 -25.97
N ALA A 42 -5.68 -23.21 -26.13
CA ALA A 42 -6.64 -23.50 -25.04
C ALA A 42 -6.36 -24.84 -24.34
N GLY A 43 -6.06 -25.86 -25.11
CA GLY A 43 -5.65 -27.14 -24.56
C GLY A 43 -4.45 -27.09 -23.63
N THR A 44 -3.47 -26.24 -23.93
CA THR A 44 -2.25 -26.16 -23.14
C THR A 44 -2.55 -25.65 -21.76
N ILE A 45 -3.25 -24.52 -21.68
CA ILE A 45 -3.52 -23.88 -20.39
C ILE A 45 -4.43 -24.74 -19.49
N TYR A 46 -5.40 -25.44 -20.09
CA TYR A 46 -6.31 -26.30 -19.30
C TYR A 46 -5.62 -27.56 -18.80
N LEU A 47 -4.62 -28.05 -19.55
CA LEU A 47 -3.81 -29.16 -19.09
C LEU A 47 -2.91 -28.75 -17.93
N TYR A 48 -2.27 -27.59 -18.05
CA TYR A 48 -1.37 -27.04 -16.99
C TYR A 48 -2.04 -26.72 -15.68
N PHE A 49 -3.22 -26.13 -15.73
CA PHE A 49 -3.96 -25.72 -14.52
C PHE A 49 -5.40 -26.22 -14.60
N LYS A 50 -5.88 -26.82 -13.50
CA LYS A 50 -7.21 -27.47 -13.45
C LYS A 50 -8.34 -26.48 -13.80
N ASN A 51 -8.25 -25.29 -13.22
CA ASN A 51 -9.15 -24.17 -13.52
C ASN A 51 -8.50 -22.85 -13.10
N LYS A 52 -9.21 -21.74 -13.27
CA LYS A 52 -8.72 -20.40 -12.86
C LYS A 52 -8.20 -20.34 -11.40
N ASP A 53 -8.83 -21.08 -10.49
CA ASP A 53 -8.39 -21.10 -9.08
C ASP A 53 -6.97 -21.64 -8.97
N GLU A 54 -6.75 -22.85 -9.49
CA GLU A 54 -5.42 -23.51 -9.37
C GLU A 54 -4.33 -22.67 -10.06
N LEU A 55 -4.69 -22.02 -11.17
CA LEU A 55 -3.81 -21.05 -11.84
C LEU A 55 -3.39 -19.93 -10.90
N LEU A 56 -4.36 -19.22 -10.35
CA LEU A 56 -4.06 -18.08 -9.49
C LEU A 56 -3.33 -18.46 -8.17
N GLU A 57 -3.56 -19.69 -7.67
CA GLU A 57 -2.77 -20.23 -6.54
C GLU A 57 -1.29 -20.29 -6.87
N GLN A 58 -0.96 -20.99 -7.95
CA GLN A 58 0.45 -21.16 -8.37
C GLN A 58 1.09 -19.81 -8.74
N PHE A 59 0.29 -18.92 -9.35
CA PHE A 59 0.73 -17.57 -9.66
C PHE A 59 1.15 -16.81 -8.41
N ALA A 60 0.32 -16.89 -7.37
CA ALA A 60 0.65 -16.33 -6.06
C ALA A 60 2.01 -16.78 -5.60
N HIS A 61 2.24 -18.11 -5.61
CA HIS A 61 3.53 -18.69 -5.20
C HIS A 61 4.68 -18.16 -6.02
N ARG A 62 4.45 -18.01 -7.31
CA ARG A 62 5.43 -17.46 -8.24
C ARG A 62 5.70 -16.01 -7.91
N VAL A 63 4.66 -15.28 -7.50
CA VAL A 63 4.81 -13.88 -7.08
C VAL A 63 5.61 -13.73 -5.79
N PHE A 64 5.31 -14.55 -4.79
CA PHE A 64 6.14 -14.59 -3.57
C PHE A 64 7.63 -14.84 -3.92
N SER A 65 7.89 -15.80 -4.83
CA SER A 65 9.26 -16.15 -5.24
C SER A 65 10.05 -14.98 -5.84
N PHE A 67 9.49 -11.81 -5.26
CA PHE A 67 9.76 -10.90 -4.15
C PHE A 67 10.96 -11.38 -3.35
N ALA A 69 13.39 -13.33 -4.30
CA ALA A 69 14.58 -13.24 -5.14
C ALA A 69 15.08 -11.80 -5.23
N THR A 70 14.14 -10.85 -5.18
CA THR A 70 14.48 -9.42 -5.22
C THR A 70 15.24 -8.98 -3.97
N LEU A 71 14.79 -9.43 -2.80
CA LEU A 71 15.50 -9.17 -1.54
C LEU A 71 16.92 -9.79 -1.51
N GLU A 72 17.06 -10.95 -2.13
CA GLU A 72 18.35 -11.68 -2.10
C GLU A 72 19.46 -11.12 -3.01
N LYS A 73 19.06 -10.45 -4.10
CA LYS A 73 19.99 -10.03 -5.17
C LYS A 73 21.12 -9.21 -4.60
N ASP A 74 22.35 -9.61 -4.95
CA ASP A 74 23.59 -8.91 -4.56
C ASP A 74 23.84 -8.84 -3.04
N PHE A 75 23.29 -9.81 -2.31
CA PHE A 75 23.45 -9.84 -0.83
C PHE A 75 24.86 -10.26 -0.45
N ASP A 76 25.37 -9.65 0.60
CA ASP A 76 26.76 -9.80 0.97
C ASP A 76 26.92 -9.58 2.49
N GLU A 77 26.95 -10.70 3.24
CA GLU A 77 27.18 -10.71 4.72
C GLU A 77 28.34 -9.85 5.19
N THR A 78 29.35 -9.71 4.35
CA THR A 78 30.60 -9.02 4.67
C THR A 78 30.44 -7.51 4.77
N LYS A 79 29.44 -6.95 4.04
CA LYS A 79 29.15 -5.51 4.09
CA LYS A 79 29.19 -5.51 4.10
C LYS A 79 28.46 -5.16 5.41
N PRO A 80 28.44 -3.85 5.78
CA PRO A 80 27.71 -3.46 6.97
C PRO A 80 26.20 -3.65 6.84
N PHE A 81 25.53 -3.75 7.97
CA PHE A 81 24.10 -4.02 7.98
C PHE A 81 23.32 -2.94 7.24
N PHE A 82 23.75 -1.69 7.37
CA PHE A 82 23.15 -0.58 6.60
C PHE A 82 23.24 -0.82 5.11
N GLU A 83 24.42 -1.19 4.63
CA GLU A 83 24.60 -1.46 3.20
C GLU A 83 23.79 -2.67 2.74
N GLN A 84 23.61 -3.65 3.62
CA GLN A 84 22.73 -4.77 3.33
C GLN A 84 21.30 -4.28 3.20
N TYR A 85 20.91 -3.39 4.10
CA TYR A 85 19.58 -2.80 4.05
C TYR A 85 19.43 -1.90 2.80
N ARG A 86 20.45 -1.09 2.52
CA ARG A 86 20.43 -0.21 1.36
C ARG A 86 20.34 -0.99 0.06
N GLN A 87 21.08 -2.09 -0.04
CA GLN A 87 20.97 -2.98 -1.20
C GLN A 87 19.54 -3.49 -1.36
N TRP A 89 16.78 -2.17 -0.23
CA TRP A 89 15.92 -1.05 -0.63
C TRP A 89 16.00 -0.82 -2.13
N LYS A 90 17.22 -0.75 -2.66
CA LYS A 90 17.47 -0.49 -4.08
CA LYS A 90 17.43 -0.46 -4.07
C LYS A 90 16.96 -1.64 -4.93
N ASN A 91 17.15 -2.86 -4.45
CA ASN A 91 16.63 -4.02 -5.16
C ASN A 91 15.13 -3.88 -5.38
N ILE A 92 14.40 -3.49 -4.33
CA ILE A 92 12.95 -3.35 -4.45
C ILE A 92 12.60 -2.19 -5.36
N TRP A 93 13.29 -1.07 -5.19
CA TRP A 93 13.02 0.16 -5.94
C TRP A 93 13.20 -0.03 -7.43
N TYR A 94 14.36 -0.54 -7.81
CA TYR A 94 14.66 -0.77 -9.21
C TYR A 94 13.87 -1.92 -9.78
N PHE A 95 13.46 -2.89 -8.97
CA PHE A 95 12.65 -4.00 -9.47
C PHE A 95 11.28 -3.52 -9.90
N LEU A 96 10.66 -2.68 -9.06
CA LEU A 96 9.32 -2.15 -9.34
C LEU A 96 9.34 -1.12 -10.43
N GLN A 97 10.40 -0.30 -10.48
CA GLN A 97 10.65 0.62 -11.61
CA GLN A 97 10.53 0.63 -11.59
C GLN A 97 10.74 -0.14 -12.91
N GLU A 98 11.58 -1.17 -12.90
CA GLU A 98 11.77 -2.00 -14.10
C GLU A 98 10.50 -2.81 -14.50
N ASN A 99 9.63 -3.12 -13.53
CA ASN A 99 8.44 -3.96 -13.76
C ASN A 99 7.15 -3.27 -13.27
N PRO A 100 6.69 -2.24 -13.99
CA PRO A 100 5.54 -1.48 -13.53
C PRO A 100 4.23 -2.26 -13.54
N THR A 101 4.11 -3.24 -14.44
CA THR A 101 2.99 -4.18 -14.46
C THR A 101 2.88 -4.94 -13.12
N ILE A 102 4.02 -5.29 -12.53
CA ILE A 102 4.03 -5.89 -11.21
C ILE A 102 3.58 -4.87 -10.17
N LEU A 103 4.06 -3.64 -10.32
CA LEU A 103 3.67 -2.55 -9.42
C LEU A 103 2.14 -2.32 -9.41
N SER A 104 1.50 -2.29 -10.57
CA SER A 104 0.04 -2.17 -10.64
C SER A 104 -0.68 -3.28 -9.89
N ASN A 105 -0.22 -4.50 -10.08
CA ASN A 105 -0.91 -5.65 -9.52
C ASN A 105 -0.65 -5.88 -8.02
N LEU A 106 0.40 -5.26 -7.45
CA LEU A 106 0.68 -5.35 -5.99
C LEU A 106 -0.59 -5.30 -5.12
N LYS A 107 -1.46 -4.34 -5.42
CA LYS A 107 -2.67 -4.14 -4.63
C LYS A 107 -3.61 -5.34 -4.83
N GLN A 108 -3.94 -5.60 -6.09
CA GLN A 108 -4.80 -6.73 -6.46
C GLN A 108 -4.27 -8.14 -6.05
N TYR A 109 -2.96 -8.27 -5.80
CA TYR A 109 -2.39 -9.56 -5.36
C TYR A 109 -2.99 -10.08 -4.04
N GLU A 110 -3.30 -9.18 -3.09
CA GLU A 110 -3.83 -9.58 -1.77
C GLU A 110 -5.19 -10.30 -1.83
N SER A 111 -5.94 -10.12 -2.92
CA SER A 111 -7.15 -10.92 -3.17
C SER A 111 -6.89 -12.38 -3.63
N LEU A 112 -5.64 -12.75 -3.93
CA LEU A 112 -5.33 -14.10 -4.42
C LEU A 112 -5.41 -15.13 -3.29
N PRO A 113 -5.89 -16.36 -3.60
CA PRO A 113 -5.82 -17.46 -2.63
C PRO A 113 -4.42 -18.12 -2.64
N ASN A 114 -3.59 -18.01 -1.60
CA ASN A 114 -3.83 -17.28 -0.34
C ASN A 114 -2.64 -16.37 -0.04
N PHE A 115 -2.80 -15.07 -0.31
CA PHE A 115 -1.75 -14.06 0.04
C PHE A 115 -1.64 -13.85 1.58
N LYS A 116 -2.64 -14.33 2.33
CA LYS A 116 -2.55 -14.50 3.78
C LYS A 116 -1.75 -15.75 4.16
N ASP A 117 -2.27 -16.92 3.76
CA ASP A 117 -1.71 -18.23 4.15
C ASP A 117 -0.28 -18.45 3.62
N ILE A 118 -0.10 -18.35 2.30
CA ILE A 118 1.21 -18.56 1.65
C ILE A 118 2.31 -17.58 2.10
N CYS A 119 1.95 -16.34 2.44
CA CYS A 119 2.95 -15.37 2.92
C CYS A 119 3.47 -15.71 4.33
N LYS A 120 2.60 -15.66 5.33
CA LYS A 120 2.98 -16.10 6.71
C LYS A 120 3.10 -17.66 6.78
N ASN A 121 4.36 -18.14 6.76
CA ASN A 121 4.84 -19.50 6.25
C ASN A 121 6.09 -19.41 5.28
N ILE A 122 6.83 -18.28 5.32
CA ILE A 122 7.99 -18.06 4.44
C ILE A 122 9.28 -18.51 5.15
N LYS A 123 9.80 -19.67 4.75
CA LYS A 123 11.05 -20.22 5.33
C LYS A 123 12.27 -19.42 4.86
N ASN A 124 13.05 -18.91 5.82
CA ASN A 124 14.32 -18.21 5.54
C ASN A 124 14.18 -17.06 4.54
N CYS A 125 13.28 -16.12 4.86
CA CYS A 125 13.19 -14.88 4.13
C CYS A 125 14.38 -14.00 4.49
N ARG A 126 15.00 -13.38 3.49
CA ARG A 126 16.16 -12.52 3.70
C ARG A 126 15.89 -11.42 4.75
N TRP A 127 14.69 -10.83 4.71
CA TRP A 127 14.33 -9.80 5.68
C TRP A 127 14.37 -10.33 7.09
N ASP A 128 13.73 -11.48 7.31
CA ASP A 128 13.67 -12.11 8.61
C ASP A 128 15.08 -12.42 9.10
N LEU A 129 15.89 -13.01 8.22
CA LEU A 129 17.27 -13.38 8.54
C LEU A 129 18.10 -12.16 8.87
N PHE A 130 17.95 -11.11 8.08
CA PHE A 130 18.68 -9.89 8.29
C PHE A 130 18.34 -9.28 9.65
N CYS A 131 17.04 -9.23 9.97
CA CYS A 131 16.57 -8.75 11.27
C CYS A 131 17.20 -9.52 12.39
N HIS A 132 17.30 -10.85 12.25
CA HIS A 132 17.87 -11.68 13.30
C HIS A 132 19.35 -11.37 13.53
N GLN A 133 20.13 -11.26 12.45
CA GLN A 133 21.56 -10.98 12.55
C GLN A 133 21.82 -9.56 13.07
N ALA A 134 21.09 -8.59 12.53
CA ALA A 134 21.22 -7.21 12.96
C ALA A 134 20.75 -7.01 14.42
N GLN A 135 19.70 -7.75 14.84
CA GLN A 135 19.24 -7.70 16.25
C GLN A 135 20.25 -8.34 17.18
N LYS A 136 20.75 -9.51 16.78
CA LYS A 136 21.82 -10.24 17.47
C LYS A 136 23.07 -9.37 17.65
N ALA A 137 23.42 -8.57 16.65
CA ALA A 137 24.57 -7.64 16.73
C ALA A 137 24.32 -6.40 17.62
N GLY A 138 23.06 -6.06 17.81
CA GLY A 138 22.66 -4.97 18.69
C GLY A 138 22.24 -3.69 17.97
N LEU A 139 21.93 -3.78 16.67
CA LEU A 139 21.71 -2.58 15.83
C LEU A 139 20.29 -2.06 15.76
N LEU A 140 19.32 -2.98 15.85
CA LEU A 140 17.93 -2.71 15.50
C LEU A 140 17.03 -2.67 16.71
N ALA A 141 15.88 -2.00 16.57
CA ALA A 141 14.84 -2.00 17.62
C ALA A 141 14.33 -3.40 17.90
N GLU A 142 13.95 -3.68 19.15
CA GLU A 142 13.31 -4.95 19.52
C GLU A 142 11.78 -4.89 19.24
N LEU A 143 11.46 -4.90 17.95
CA LEU A 143 10.10 -4.93 17.44
C LEU A 143 10.02 -6.10 16.48
N SER A 144 8.83 -6.66 16.29
CA SER A 144 8.69 -7.84 15.44
C SER A 144 9.12 -7.54 14.01
N GLU A 145 9.37 -8.57 13.22
CA GLU A 145 9.99 -8.37 11.88
C GLU A 145 9.05 -7.63 10.94
N ASP A 146 7.74 -7.85 11.05
CA ASP A 146 6.80 -7.14 10.16
C ASP A 146 6.71 -5.66 10.47
N ILE A 147 6.70 -5.30 11.76
CA ILE A 147 6.70 -3.91 12.18
C ILE A 147 7.96 -3.22 11.66
N LEU A 148 9.10 -3.85 11.86
CA LEU A 148 10.34 -3.30 11.36
C LEU A 148 10.28 -3.07 9.85
N PHE A 149 9.78 -4.04 9.11
CA PHE A 149 9.59 -3.88 7.68
C PHE A 149 8.71 -2.67 7.36
N LEU A 150 7.57 -2.56 8.03
CA LEU A 150 6.59 -1.54 7.73
C LEU A 150 7.07 -0.12 8.11
N LEU A 151 8.07 -0.04 8.99
CA LEU A 151 8.76 1.22 9.33
C LEU A 151 9.92 1.55 8.38
N SER A 152 10.38 0.60 7.57
CA SER A 152 11.67 0.77 6.85
C SER A 152 11.58 0.40 5.35
N LEU A 153 11.80 -0.86 5.00
CA LEU A 153 11.79 -1.26 3.59
C LEU A 153 10.50 -0.92 2.91
N LYS A 154 9.40 -0.91 3.66
CA LYS A 154 8.10 -0.55 3.12
C LYS A 154 8.14 0.74 2.33
N THR A 155 8.99 1.70 2.72
CA THR A 155 9.10 2.99 2.01
C THR A 155 9.44 2.81 0.51
N ALA A 156 10.29 1.83 0.22
CA ALA A 156 10.66 1.53 -1.15
C ALA A 156 9.43 1.24 -1.98
N ILE A 157 8.53 0.45 -1.42
CA ILE A 157 7.29 0.06 -2.12
C ILE A 157 6.34 1.24 -2.22
N ASN A 158 6.19 1.99 -1.15
CA ASN A 158 5.27 3.11 -1.13
C ASN A 158 5.74 4.25 -2.08
N LEU A 159 7.06 4.44 -2.17
CA LEU A 159 7.61 5.49 -3.02
C LEU A 159 7.39 5.17 -4.51
N ALA A 160 7.73 3.94 -4.91
CA ALA A 160 7.46 3.45 -6.26
C ALA A 160 5.98 3.62 -6.62
N SER A 161 5.11 3.23 -5.70
CA SER A 161 3.69 3.20 -5.98
C SER A 161 3.09 4.61 -6.14
N ASP A 162 3.47 5.51 -5.23
CA ASP A 162 3.02 6.92 -5.25
C ASP A 162 3.89 7.89 -6.10
N ALA A 163 5.01 7.43 -6.67
CA ALA A 163 5.72 8.16 -7.73
C ALA A 163 4.78 8.52 -8.90
N LYS A 164 3.81 7.65 -9.14
CA LYS A 164 2.82 7.79 -10.23
C LYS A 164 1.82 8.88 -9.85
N PHE A 165 1.23 8.76 -8.65
CA PHE A 165 0.29 9.78 -8.12
C PHE A 165 0.97 10.97 -7.37
N ILE A 166 2.32 11.01 -7.34
CA ILE A 166 3.06 12.20 -6.84
C ILE A 166 4.55 12.14 -7.26
N LEU A 170 13.00 12.15 -10.10
CA LEU A 170 13.38 12.43 -8.71
C LEU A 170 14.81 11.97 -8.34
N LYS A 171 15.57 12.93 -7.81
CA LYS A 171 17.05 12.92 -7.83
C LYS A 171 17.64 11.81 -6.95
N PRO A 172 18.92 11.43 -7.18
CA PRO A 172 19.49 10.36 -6.37
C PRO A 172 19.72 10.72 -4.90
N GLU A 173 20.05 11.98 -4.60
CA GLU A 173 20.19 12.45 -3.19
C GLU A 173 18.92 12.23 -2.37
N ILE A 174 17.76 12.46 -3.01
CA ILE A 174 16.45 12.18 -2.41
C ILE A 174 16.29 10.69 -2.10
N LEU A 175 16.63 9.80 -3.04
CA LEU A 175 16.54 8.34 -2.78
C LEU A 175 17.42 7.88 -1.61
N GLU A 176 18.62 8.44 -1.50
CA GLU A 176 19.51 8.12 -0.40
C GLU A 176 18.99 8.66 0.90
N SER A 177 18.44 9.88 0.86
CA SER A 177 17.77 10.45 2.03
C SER A 177 16.70 9.50 2.54
N VAL A 178 15.84 9.00 1.66
CA VAL A 178 14.79 8.05 2.07
C VAL A 178 15.37 6.72 2.57
N ILE A 179 16.41 6.21 1.91
CA ILE A 179 17.07 5.00 2.38
C ILE A 179 17.61 5.18 3.79
N GLU A 180 18.35 6.25 4.00
CA GLU A 180 18.98 6.52 5.28
C GLU A 180 17.98 6.84 6.37
N ARG A 181 16.94 7.58 6.04
CA ARG A 181 15.95 7.99 7.03
C ARG A 181 15.02 6.84 7.39
N SER A 182 14.65 6.01 6.42
CA SER A 182 13.83 4.82 6.75
C SER A 182 14.61 3.82 7.65
N TRP A 183 15.91 3.70 7.38
CA TRP A 183 16.85 2.96 8.24
C TRP A 183 16.88 3.52 9.64
N ARG A 184 16.94 4.83 9.71
CA ARG A 184 16.99 5.56 10.98
C ARG A 184 15.82 5.17 11.89
N ALA A 185 14.65 4.97 11.29
CA ALA A 185 13.44 4.59 12.03
C ALA A 185 13.53 3.24 12.76
N ILE A 186 14.39 2.33 12.29
CA ILE A 186 14.50 1.00 12.92
C ILE A 186 15.80 0.78 13.67
N GLN A 187 16.60 1.84 13.89
CA GLN A 187 17.84 1.72 14.66
CA GLN A 187 17.84 1.75 14.68
C GLN A 187 17.51 1.62 16.15
N LYS A 188 18.31 0.84 16.88
CA LYS A 188 18.05 0.66 18.34
C LYS A 188 18.04 2.00 19.03
N ASP B 8 -26.90 12.50 3.40
CA ASP B 8 -28.29 11.97 3.60
C ASP B 8 -28.53 10.78 2.63
N LEU B 9 -29.42 10.90 1.63
CA LEU B 9 -29.45 9.89 0.54
C LEU B 9 -28.08 9.76 -0.19
N ALA B 10 -27.34 10.86 -0.31
CA ALA B 10 -26.04 10.83 -0.92
C ALA B 10 -25.02 9.98 -0.15
N GLU B 11 -24.97 10.12 1.17
CA GLU B 11 -24.03 9.35 1.99
CA GLU B 11 -24.03 9.34 1.99
C GLU B 11 -24.44 7.87 1.98
N GLN B 12 -25.73 7.63 1.93
CA GLN B 12 -26.21 6.28 1.79
C GLN B 12 -25.63 5.65 0.52
N ILE B 13 -25.68 6.39 -0.58
CA ILE B 13 -25.16 5.92 -1.87
C ILE B 13 -23.64 5.80 -1.86
N PHE B 14 -22.96 6.75 -1.23
CA PHE B 14 -21.50 6.67 -1.11
C PHE B 14 -21.09 5.50 -0.26
N SER B 15 -21.81 5.29 0.82
CA SER B 15 -21.54 4.15 1.66
C SER B 15 -21.77 2.83 0.87
N ALA B 16 -22.85 2.78 0.10
CA ALA B 16 -23.09 1.67 -0.80
C ALA B 16 -21.94 1.51 -1.81
N THR B 17 -21.38 2.61 -2.30
CA THR B 17 -20.24 2.52 -3.19
C THR B 17 -19.06 1.84 -2.56
N ASP B 18 -18.73 2.20 -1.33
CA ASP B 18 -17.67 1.48 -0.60
C ASP B 18 -17.89 0.00 -0.55
N ARG B 19 -19.08 -0.39 -0.16
CA ARG B 19 -19.35 -1.79 0.10
C ARG B 19 -19.24 -2.57 -1.18
N LEU B 20 -19.85 -2.04 -2.22
CA LEU B 20 -19.83 -2.66 -3.52
C LEU B 20 -18.42 -2.71 -4.09
N ALA B 22 -15.73 -2.80 -2.21
CA ALA B 22 -15.03 -3.82 -1.37
C ALA B 22 -15.37 -5.27 -1.74
N ARG B 23 -16.65 -5.52 -2.02
CA ARG B 23 -17.17 -6.86 -2.27
C ARG B 23 -16.92 -7.35 -3.69
N GLU B 24 -17.13 -6.47 -4.65
CA GLU B 24 -16.80 -6.71 -6.06
C GLU B 24 -15.75 -5.66 -6.38
N GLY B 25 -15.09 -5.71 -7.52
CA GLY B 25 -14.06 -4.64 -7.78
C GLY B 25 -14.67 -3.26 -8.08
N LEU B 26 -13.83 -2.23 -8.09
CA LEU B 26 -14.21 -0.93 -8.68
C LEU B 26 -14.68 -1.03 -10.14
N ASN B 27 -14.03 -1.88 -10.93
CA ASN B 27 -14.42 -2.13 -12.33
C ASN B 27 -15.85 -2.66 -12.49
N GLN B 28 -16.39 -3.31 -11.45
CA GLN B 28 -17.70 -3.97 -11.52
C GLN B 28 -18.86 -3.07 -11.06
N LEU B 29 -18.57 -1.82 -10.68
CA LEU B 29 -19.60 -0.89 -10.26
C LEU B 29 -20.45 -0.48 -11.42
N SER B 30 -21.76 -0.41 -11.19
CA SER B 30 -22.68 0.18 -12.14
C SER B 30 -23.72 0.95 -11.35
N LEU B 32 -26.96 0.69 -11.77
CA LEU B 32 -27.98 -0.28 -11.34
CA LEU B 32 -28.00 -0.23 -11.33
C LEU B 32 -27.58 -1.02 -10.08
N LYS B 33 -26.36 -1.53 -10.06
CA LYS B 33 -25.85 -2.30 -8.92
C LYS B 33 -25.75 -1.45 -7.66
N LEU B 34 -25.31 -0.21 -7.79
CA LEU B 34 -25.22 0.73 -6.66
C LEU B 34 -26.60 1.06 -6.09
N ALA B 35 -27.58 1.23 -6.97
CA ALA B 35 -28.95 1.46 -6.53
C ALA B 35 -29.46 0.28 -5.70
N LYS B 36 -29.18 -0.94 -6.17
CA LYS B 36 -29.50 -2.15 -5.44
C LYS B 36 -28.85 -2.08 -4.06
N GLU B 37 -27.55 -1.84 -4.03
CA GLU B 37 -26.78 -1.94 -2.79
C GLU B 37 -27.15 -0.84 -1.79
N ALA B 38 -27.58 0.34 -2.30
CA ALA B 38 -28.10 1.41 -1.43
C ALA B 38 -29.59 1.25 -1.06
N ASN B 39 -30.22 0.16 -1.50
CA ASN B 39 -31.66 -0.10 -1.32
CA ASN B 39 -31.64 -0.09 -1.26
C ASN B 39 -32.55 1.05 -1.79
N VAL B 40 -32.25 1.56 -2.99
CA VAL B 40 -33.06 2.58 -3.65
C VAL B 40 -33.38 2.13 -5.06
N ALA B 41 -34.48 2.63 -5.63
CA ALA B 41 -34.78 2.33 -7.06
C ALA B 41 -33.72 2.96 -7.95
N ALA B 42 -33.55 2.37 -9.11
CA ALA B 42 -32.60 2.83 -10.10
C ALA B 42 -32.81 4.31 -10.45
N GLY B 43 -34.07 4.71 -10.60
CA GLY B 43 -34.43 6.12 -10.74
C GLY B 43 -33.88 7.05 -9.68
N THR B 44 -33.92 6.62 -8.41
CA THR B 44 -33.51 7.49 -7.30
C THR B 44 -32.05 7.85 -7.43
N ILE B 45 -31.19 6.89 -7.74
CA ILE B 45 -29.73 7.20 -7.84
C ILE B 45 -29.44 8.30 -8.87
N TYR B 46 -30.20 8.31 -9.97
CA TYR B 46 -30.02 9.31 -11.03
C TYR B 46 -30.52 10.72 -10.64
N LEU B 47 -31.51 10.78 -9.74
CA LEU B 47 -31.85 12.03 -9.05
C LEU B 47 -30.64 12.68 -8.39
N TYR B 48 -29.76 11.88 -7.80
CA TYR B 48 -28.60 12.42 -7.05
C TYR B 48 -27.32 12.60 -7.88
N PHE B 49 -27.14 11.77 -8.91
CA PHE B 49 -25.98 11.88 -9.80
C PHE B 49 -26.39 11.61 -11.25
N LYS B 50 -25.81 12.36 -12.19
CA LYS B 50 -26.13 12.24 -13.62
C LYS B 50 -25.59 10.93 -14.24
N ASN B 51 -24.50 10.41 -13.69
CA ASN B 51 -23.85 9.23 -14.28
C ASN B 51 -22.84 8.67 -13.31
N LYS B 52 -22.19 7.58 -13.67
CA LYS B 52 -21.21 6.97 -12.80
C LYS B 52 -19.99 7.86 -12.60
N ASP B 53 -19.58 8.58 -13.63
CA ASP B 53 -18.43 9.47 -13.51
C ASP B 53 -18.62 10.52 -12.44
N GLU B 54 -19.83 11.08 -12.35
CA GLU B 54 -20.11 12.15 -11.41
C GLU B 54 -20.20 11.64 -9.99
N LEU B 55 -20.94 10.56 -9.81
CA LEU B 55 -20.94 9.81 -8.59
C LEU B 55 -19.53 9.49 -8.08
N LEU B 56 -18.69 8.93 -8.94
CA LEU B 56 -17.33 8.56 -8.55
C LEU B 56 -16.47 9.78 -8.25
N GLU B 57 -16.66 10.86 -9.01
CA GLU B 57 -16.03 12.15 -8.69
C GLU B 57 -16.41 12.63 -7.28
N GLN B 58 -17.70 12.70 -7.00
CA GLN B 58 -18.17 13.15 -5.69
C GLN B 58 -17.76 12.19 -4.58
N PHE B 59 -17.74 10.91 -4.89
CA PHE B 59 -17.27 9.90 -3.97
C PHE B 59 -15.79 10.17 -3.57
N ALA B 60 -14.94 10.42 -4.56
CA ALA B 60 -13.52 10.71 -4.35
C ALA B 60 -13.39 11.91 -3.42
N HIS B 61 -14.19 12.93 -3.68
CA HIS B 61 -14.20 14.15 -2.87
C HIS B 61 -14.63 13.89 -1.40
N ARG B 62 -15.61 13.01 -1.23
CA ARG B 62 -15.99 12.53 0.10
C ARG B 62 -14.84 11.79 0.79
N VAL B 63 -14.07 11.00 0.03
CA VAL B 63 -12.95 10.31 0.60
C VAL B 63 -11.87 11.27 1.11
N PHE B 64 -11.52 12.27 0.31
CA PHE B 64 -10.55 13.26 0.73
C PHE B 64 -11.06 14.11 1.85
N SER B 65 -12.36 14.43 1.83
CA SER B 65 -12.96 15.15 2.94
C SER B 65 -12.79 14.43 4.25
N PHE B 67 -10.37 12.25 4.93
CA PHE B 67 -8.93 12.27 5.20
CA PHE B 67 -8.95 12.23 5.26
C PHE B 67 -8.54 13.56 5.91
N ALA B 69 -10.65 15.68 7.51
CA ALA B 69 -11.30 15.58 8.83
C ALA B 69 -10.39 14.88 9.82
N THR B 70 -9.85 13.74 9.40
CA THR B 70 -8.97 12.94 10.25
C THR B 70 -7.71 13.67 10.65
N LEU B 71 -7.12 14.45 9.75
CA LEU B 71 -5.94 15.21 10.09
C LEU B 71 -6.23 16.41 11.01
N GLU B 72 -7.48 16.89 11.04
CA GLU B 72 -7.87 18.08 11.81
C GLU B 72 -8.30 17.78 13.26
N LYS B 73 -8.76 16.56 13.52
CA LYS B 73 -9.41 16.23 14.79
C LYS B 73 -8.48 16.48 15.98
N ASP B 74 -9.02 17.18 16.99
CA ASP B 74 -8.27 17.67 18.14
C ASP B 74 -6.93 18.28 17.79
N PHE B 75 -6.86 18.98 16.65
CA PHE B 75 -5.68 19.77 16.35
C PHE B 75 -5.57 20.90 17.37
N ASP B 76 -4.34 21.13 17.84
CA ASP B 76 -4.02 22.18 18.82
C ASP B 76 -2.66 22.77 18.47
N GLU B 77 -2.65 24.00 17.94
CA GLU B 77 -1.37 24.61 17.49
C GLU B 77 -0.48 25.05 18.64
N THR B 78 -1.00 25.15 19.86
CA THR B 78 -0.18 25.50 21.04
C THR B 78 0.72 24.35 21.45
N LYS B 79 0.29 23.12 21.17
CA LYS B 79 1.07 21.94 21.56
C LYS B 79 2.39 21.82 20.74
N PRO B 80 3.39 21.10 21.29
CA PRO B 80 4.65 20.86 20.56
C PRO B 80 4.41 20.14 19.26
N PHE B 81 5.29 20.32 18.26
CA PHE B 81 5.06 19.71 16.96
C PHE B 81 5.00 18.21 17.04
N PHE B 82 5.81 17.60 17.90
CA PHE B 82 5.73 16.15 18.05
C PHE B 82 4.31 15.70 18.45
N GLU B 83 3.66 16.46 19.33
CA GLU B 83 2.34 16.08 19.87
C GLU B 83 1.24 16.34 18.87
N GLN B 84 1.44 17.31 18.00
CA GLN B 84 0.58 17.48 16.84
C GLN B 84 0.69 16.23 15.94
N TYR B 85 1.92 15.81 15.67
CA TYR B 85 2.17 14.66 14.82
C TYR B 85 1.60 13.40 15.44
N ARG B 86 1.86 13.21 16.71
CA ARG B 86 1.31 12.07 17.45
C ARG B 86 -0.22 12.02 17.36
N GLN B 87 -0.85 13.18 17.46
CA GLN B 87 -2.30 13.27 17.32
C GLN B 87 -2.80 12.87 15.95
N TRP B 89 -1.32 10.90 13.77
CA TRP B 89 -1.04 9.47 13.68
C TRP B 89 -2.14 8.70 14.36
N LYS B 90 -2.51 9.10 15.58
CA LYS B 90 -3.55 8.36 16.31
C LYS B 90 -4.92 8.51 15.64
N ASN B 91 -5.21 9.68 15.09
CA ASN B 91 -6.48 9.89 14.41
C ASN B 91 -6.64 8.94 13.22
N ILE B 92 -5.55 8.70 12.51
CA ILE B 92 -5.60 7.79 11.37
C ILE B 92 -5.82 6.39 11.85
N TRP B 93 -4.98 5.97 12.80
CA TRP B 93 -5.10 4.67 13.45
C TRP B 93 -6.55 4.36 13.86
N TYR B 94 -7.14 5.24 14.65
CA TYR B 94 -8.42 4.94 15.25
C TYR B 94 -9.54 5.08 14.25
N PHE B 95 -9.37 5.97 13.25
CA PHE B 95 -10.32 6.05 12.17
C PHE B 95 -10.36 4.72 11.42
N LEU B 96 -9.20 4.19 11.09
CA LEU B 96 -9.15 2.94 10.35
C LEU B 96 -9.71 1.74 11.16
N GLN B 97 -9.49 1.72 12.47
CA GLN B 97 -10.06 0.70 13.36
C GLN B 97 -11.57 0.70 13.31
N GLU B 98 -12.12 1.89 13.24
CA GLU B 98 -13.56 2.09 13.29
C GLU B 98 -14.28 1.84 11.96
N ASN B 99 -13.52 1.84 10.85
CA ASN B 99 -14.06 1.81 9.50
C ASN B 99 -13.41 0.72 8.69
N PRO B 100 -13.81 -0.55 8.91
CA PRO B 100 -13.09 -1.63 8.25
C PRO B 100 -13.23 -1.67 6.73
N THR B 101 -14.36 -1.21 6.20
CA THR B 101 -14.54 -1.25 4.76
C THR B 101 -13.67 -0.19 4.08
N ILE B 102 -13.62 1.00 4.65
CA ILE B 102 -12.73 2.04 4.19
C ILE B 102 -11.25 1.58 4.25
N LEU B 103 -10.87 0.95 5.35
CA LEU B 103 -9.51 0.40 5.48
C LEU B 103 -9.22 -0.57 4.36
N SER B 104 -10.11 -1.55 4.14
CA SER B 104 -9.87 -2.48 3.03
C SER B 104 -9.87 -1.81 1.64
N ASN B 105 -10.59 -0.71 1.47
CA ASN B 105 -10.69 -0.02 0.18
C ASN B 105 -9.61 1.00 -0.11
N LEU B 106 -8.66 1.23 0.83
CA LEU B 106 -7.71 2.37 0.69
C LEU B 106 -6.91 2.37 -0.62
N LYS B 107 -6.36 1.22 -0.95
CA LYS B 107 -5.59 1.04 -2.16
C LYS B 107 -6.44 1.28 -3.43
N GLN B 108 -7.66 0.72 -3.45
CA GLN B 108 -8.60 0.93 -4.55
C GLN B 108 -8.92 2.39 -4.85
N TYR B 109 -8.95 3.24 -3.83
CA TYR B 109 -9.30 4.67 -4.04
C TYR B 109 -8.36 5.36 -5.01
N GLU B 110 -7.12 4.91 -5.09
CA GLU B 110 -6.12 5.50 -5.99
C GLU B 110 -6.48 5.32 -7.45
N SER B 111 -7.23 4.26 -7.75
CA SER B 111 -7.79 4.04 -9.08
C SER B 111 -9.05 4.85 -9.41
N LEU B 112 -9.63 5.57 -8.45
CA LEU B 112 -10.77 6.45 -8.74
C LEU B 112 -10.34 7.47 -9.81
N PRO B 113 -11.19 7.70 -10.83
CA PRO B 113 -10.77 8.61 -11.91
C PRO B 113 -10.33 10.00 -11.43
N ASN B 114 -11.02 10.54 -10.45
CA ASN B 114 -10.75 11.90 -10.01
C ASN B 114 -9.66 12.00 -8.94
N PHE B 115 -8.92 10.93 -8.65
CA PHE B 115 -8.14 10.87 -7.40
C PHE B 115 -6.87 11.71 -7.47
N LYS B 116 -6.09 11.54 -8.54
CA LYS B 116 -4.87 12.33 -8.76
C LYS B 116 -5.22 13.81 -8.88
N ASP B 117 -6.15 14.12 -9.78
CA ASP B 117 -6.58 15.51 -10.05
C ASP B 117 -7.10 16.25 -8.79
N ILE B 118 -7.78 15.53 -7.89
CA ILE B 118 -8.22 16.09 -6.62
C ILE B 118 -7.02 16.24 -5.66
N CYS B 119 -6.21 15.18 -5.55
CA CYS B 119 -5.02 15.14 -4.66
C CYS B 119 -4.06 16.30 -4.91
N LYS B 120 -3.68 16.52 -6.16
CA LYS B 120 -2.75 17.57 -6.53
C LYS B 120 -3.32 18.97 -6.22
N ASN B 121 -4.58 19.21 -6.60
CA ASN B 121 -5.21 20.56 -6.42
C ASN B 121 -5.58 21.00 -4.97
N ILE B 122 -5.24 20.18 -3.94
CA ILE B 122 -5.37 20.60 -2.52
C ILE B 122 -4.14 21.40 -2.07
N LYS B 123 -4.26 22.72 -2.07
CA LYS B 123 -3.24 23.59 -1.52
C LYS B 123 -3.48 23.70 0.00
N ASN B 124 -2.39 23.73 0.78
CA ASN B 124 -2.42 24.23 2.17
C ASN B 124 -3.27 23.40 3.11
N CYS B 125 -3.28 22.10 2.92
CA CYS B 125 -3.97 21.21 3.86
C CYS B 125 -3.24 21.16 5.19
N ARG B 126 -3.83 20.51 6.16
CA ARG B 126 -3.26 20.45 7.48
C ARG B 126 -1.83 19.86 7.52
N TRP B 127 -1.55 18.82 6.73
CA TRP B 127 -0.19 18.27 6.69
C TRP B 127 0.81 19.25 6.07
N ASP B 128 0.43 19.88 4.96
CA ASP B 128 1.34 20.77 4.27
CA ASP B 128 1.26 20.85 4.23
C ASP B 128 1.73 21.95 5.18
N LEU B 129 0.77 22.46 5.97
CA LEU B 129 1.01 23.54 6.93
C LEU B 129 1.87 23.12 8.09
N PHE B 130 1.60 21.92 8.62
CA PHE B 130 2.40 21.35 9.69
C PHE B 130 3.86 21.26 9.27
N CYS B 131 4.12 20.71 8.09
CA CYS B 131 5.49 20.60 7.57
C CYS B 131 6.17 21.97 7.41
N HIS B 132 5.42 22.98 6.95
CA HIS B 132 5.99 24.31 6.77
C HIS B 132 6.41 24.90 8.12
N GLN B 133 5.46 24.94 9.07
CA GLN B 133 5.72 25.41 10.45
CA GLN B 133 5.77 25.49 10.38
C GLN B 133 6.88 24.69 11.08
N ALA B 134 6.84 23.37 10.97
CA ALA B 134 7.80 22.51 11.65
C ALA B 134 9.20 22.66 11.03
N GLN B 135 9.27 22.79 9.69
CA GLN B 135 10.52 23.12 9.00
C GLN B 135 11.00 24.52 9.41
N LYS B 136 10.08 25.49 9.47
CA LYS B 136 10.39 26.87 9.87
C LYS B 136 10.97 26.95 11.29
N ALA B 137 10.44 26.13 12.21
CA ALA B 137 11.00 26.00 13.56
C ALA B 137 12.34 25.22 13.62
N GLY B 138 12.75 24.60 12.52
CA GLY B 138 14.04 23.90 12.43
C GLY B 138 13.98 22.43 12.83
N LEU B 139 12.78 21.85 12.92
CA LEU B 139 12.60 20.49 13.44
C LEU B 139 12.70 19.40 12.35
N LEU B 140 12.07 19.64 11.20
CA LEU B 140 11.92 18.61 10.17
C LEU B 140 12.96 18.73 9.09
N ALA B 141 13.20 17.62 8.38
CA ALA B 141 14.10 17.61 7.20
C ALA B 141 13.55 18.53 6.12
N GLU B 142 14.42 19.17 5.34
CA GLU B 142 13.96 19.92 4.15
C GLU B 142 13.81 18.92 3.00
N LEU B 143 12.73 18.15 3.06
CA LEU B 143 12.30 17.25 2.00
C LEU B 143 10.88 17.64 1.71
N SER B 144 10.37 17.26 0.55
CA SER B 144 9.02 17.64 0.15
C SER B 144 8.00 16.99 1.09
N GLU B 145 6.80 17.55 1.11
CA GLU B 145 5.79 17.20 2.09
C GLU B 145 5.30 15.78 1.86
N ASP B 146 5.26 15.38 0.58
CA ASP B 146 4.89 14.01 0.18
C ASP B 146 5.86 12.98 0.73
N ILE B 147 7.15 13.27 0.66
CA ILE B 147 8.18 12.34 1.10
C ILE B 147 8.19 12.25 2.62
N LEU B 148 8.02 13.39 3.27
CA LEU B 148 7.88 13.41 4.71
C LEU B 148 6.67 12.57 5.14
N PHE B 149 5.55 12.73 4.45
CA PHE B 149 4.36 11.98 4.83
C PHE B 149 4.63 10.48 4.76
N LEU B 150 5.24 10.07 3.66
CA LEU B 150 5.52 8.67 3.39
C LEU B 150 6.47 8.02 4.41
N LEU B 151 7.42 8.81 4.91
CA LEU B 151 8.38 8.34 5.92
C LEU B 151 7.72 8.27 7.32
N SER B 152 6.64 9.04 7.52
CA SER B 152 6.09 9.28 8.86
C SER B 152 4.63 8.84 9.00
N LEU B 153 3.67 9.71 8.73
CA LEU B 153 2.24 9.38 8.98
C LEU B 153 1.80 8.16 8.24
N LYS B 154 2.39 7.91 7.07
CA LYS B 154 2.04 6.73 6.27
CA LYS B 154 2.02 6.73 6.27
C LYS B 154 2.20 5.44 7.05
N THR B 155 3.11 5.41 8.03
CA THR B 155 3.30 4.18 8.80
C THR B 155 2.00 3.72 9.50
N ALA B 156 1.16 4.67 9.91
CA ALA B 156 -0.18 4.39 10.45
C ALA B 156 -1.08 3.61 9.49
N ILE B 157 -1.09 4.03 8.21
CA ILE B 157 -1.79 3.26 7.18
C ILE B 157 -1.08 1.94 6.97
N ASN B 158 0.24 1.95 6.95
CA ASN B 158 0.97 0.72 6.69
C ASN B 158 0.63 -0.33 7.74
N LEU B 159 0.58 0.08 9.01
CA LEU B 159 0.41 -0.83 10.12
C LEU B 159 -1.05 -1.20 10.38
N ALA B 160 -2.00 -0.39 9.91
CA ALA B 160 -3.41 -0.60 10.23
C ALA B 160 -3.94 -2.00 9.74
N SER B 161 -4.23 -2.83 10.74
CA SER B 161 -4.87 -4.11 10.59
C SER B 161 -5.51 -4.52 11.96
N ASP B 162 -6.48 -5.42 11.91
CA ASP B 162 -7.11 -5.96 13.13
C ASP B 162 -6.15 -6.55 14.18
N ALA B 163 -5.23 -7.39 13.73
CA ALA B 163 -4.25 -8.00 14.63
C ALA B 163 -3.39 -6.91 15.29
N LYS B 164 -3.13 -5.82 14.59
CA LYS B 164 -2.27 -4.78 15.15
C LYS B 164 -3.04 -3.74 15.98
N PHE B 165 -4.36 -3.61 15.76
CA PHE B 165 -5.19 -2.84 16.70
C PHE B 165 -5.19 -3.50 18.06
N ILE B 166 -5.41 -4.81 18.09
CA ILE B 166 -5.42 -5.61 19.33
C ILE B 166 -4.08 -5.56 20.07
N ASP B 167 -2.98 -5.72 19.33
CA ASP B 167 -1.64 -5.73 19.92
C ASP B 167 -1.21 -4.39 20.55
N PHE B 168 -1.52 -3.30 19.84
CA PHE B 168 -1.15 -1.95 20.29
C PHE B 168 -2.03 -1.45 21.43
N ASP B 169 -3.29 -1.85 21.46
CA ASP B 169 -4.13 -1.55 22.60
C ASP B 169 -3.65 -2.33 23.85
N LEU B 170 -3.16 -3.57 23.67
CA LEU B 170 -2.58 -4.38 24.78
C LEU B 170 -1.18 -3.89 25.22
N LYS B 171 -0.37 -3.46 24.26
CA LYS B 171 0.97 -2.97 24.52
C LYS B 171 1.14 -1.60 23.87
N PRO B 172 0.59 -0.53 24.50
CA PRO B 172 0.67 0.83 23.94
C PRO B 172 2.07 1.37 23.82
N GLU B 173 2.96 0.88 24.68
CA GLU B 173 4.41 0.98 24.48
C GLU B 173 4.84 0.79 23.00
N ILE B 174 4.25 -0.18 22.30
CA ILE B 174 4.62 -0.46 20.92
C ILE B 174 4.10 0.64 19.96
N LEU B 175 2.87 1.08 20.20
CA LEU B 175 2.24 2.14 19.42
C LEU B 175 3.00 3.45 19.59
N GLU B 176 3.43 3.75 20.81
CA GLU B 176 4.16 4.99 21.06
C GLU B 176 5.53 4.91 20.43
N SER B 177 6.12 3.71 20.42
CA SER B 177 7.42 3.48 19.84
C SER B 177 7.39 3.71 18.31
N VAL B 178 6.39 3.13 17.68
CA VAL B 178 6.16 3.32 16.27
C VAL B 178 5.90 4.78 15.89
N ILE B 179 5.18 5.52 16.74
CA ILE B 179 4.93 6.94 16.48
C ILE B 179 6.21 7.74 16.55
N GLU B 180 6.98 7.50 17.60
CA GLU B 180 8.22 8.21 17.81
C GLU B 180 9.26 7.85 16.73
N ARG B 181 9.37 6.57 16.41
CA ARG B 181 10.27 6.14 15.33
C ARG B 181 9.90 6.72 13.96
N SER B 182 8.64 6.79 13.67
CA SER B 182 8.21 7.33 12.39
C SER B 182 8.45 8.84 12.35
N TRP B 183 8.31 9.50 13.49
CA TRP B 183 8.75 10.90 13.67
C TRP B 183 10.26 11.07 13.53
N ARG B 184 10.99 10.19 14.18
CA ARG B 184 12.44 10.15 14.11
C ARG B 184 12.94 10.20 12.65
N ALA B 185 12.25 9.50 11.76
CA ALA B 185 12.62 9.44 10.34
C ALA B 185 12.60 10.77 9.63
N ILE B 186 11.78 11.74 10.11
CA ILE B 186 11.66 13.05 9.45
C ILE B 186 12.26 14.21 10.26
N GLN B 187 13.16 13.90 11.18
CA GLN B 187 13.88 14.93 11.94
C GLN B 187 15.03 15.47 11.12
N LYS B 188 15.23 16.79 11.16
CA LYS B 188 16.34 17.46 10.45
C LYS B 188 17.65 16.77 10.81
#